data_7QF0
#
_entry.id   7QF0
#
_cell.length_a   84.565
_cell.length_b   148.875
_cell.length_c   145.093
_cell.angle_alpha   90.000
_cell.angle_beta   90.000
_cell.angle_gamma   90.000
#
_symmetry.space_group_name_H-M   'C 2 2 21'
#
loop_
_entity.id
_entity.type
_entity.pdbx_description
1 polymer 'Spike protein S1'
2 polymer 'CV2.2325 heavy chain'
3 polymer 'CV2.2325 light chain'
4 branched 2-acetamido-2-deoxy-beta-D-glucopyranose-(1-4)-2-acetamido-2-deoxy-beta-D-glucopyranose
5 non-polymer 'SODIUM ION'
6 non-polymer 'CHLORIDE ION'
7 water water
#
loop_
_entity_poly.entity_id
_entity_poly.type
_entity_poly.pdbx_seq_one_letter_code
_entity_poly.pdbx_strand_id
1 'polypeptide(L)'
;NITNLCPFGEVFNATRFASVYAWNRKRISNCVADYSFLYNSASFSTFKCYGVSPTKLNDLCFTNVYADSFVIRGDEVRQI
APGQTGKIADYNYKLPDDFTGCVIAWNSNNLDSKVGGNYNYLYRLFRKSNLKPFERDISTEIYQAGSTPCNGVEGFNCYF
PLQSYGFQPTNGVGYQPYRVVVLSFELLHAPATVCGPKGSGDDDDK
;
A
2 'polypeptide(L)'
;EVQLVESGGGLIQPGGSLRLSCAASGFTVSRNYMSWVRQAPGKGLEWVSVIYSGGSTFYADSVKGRFTISRDNSKNTLYL
QMNSLRAEDTAVYYCARDGDYYGMDVWGQGTTVTVSSASTKGPSVFPLAPSSKSTSGGTAALGCLVKDYFPEPVTVSWNS
GALTSGVHTFPAVLQSSGLYSLSSVVTVPSSSLGTQTYICNVNHKPSNTKVDKRVEPKSCDKTHHHHHH
;
H
3 'polypeptide(L)'
;DIQMTQSPSFLSASVGDRVTITCRASQGISSFLAWYQQKPGKAPKLLIYGASTLQSGVTSRFSGSGSGTEFTLTISSLQP
EDFATYYCQRLDSYPPITFGQGTRLEIKRTVAAPSVFIFPPSDEQLKSGTASVVCLLNNFYPREAKVQWKVDNALQSGNS
QESVTEQDSKDSTYSLSSTLTLSKADYEKHKVYACEVTHQGLSSPVTKSFNRGE
;
L
#
# COMPACT_ATOMS: atom_id res chain seq x y z
N ASN A 4 17.95 -16.49 53.34
CA ASN A 4 17.29 -17.31 52.33
C ASN A 4 16.69 -16.42 51.23
N LEU A 5 17.49 -16.08 50.24
CA LEU A 5 17.09 -15.13 49.21
C LEU A 5 16.38 -15.82 48.06
N CYS A 6 15.41 -15.11 47.47
CA CYS A 6 14.64 -15.66 46.38
C CYS A 6 15.52 -15.83 45.14
N PRO A 7 15.35 -16.93 44.38
CA PRO A 7 16.20 -17.21 43.23
C PRO A 7 15.86 -16.41 41.98
N PHE A 8 15.81 -15.09 42.12
CA PHE A 8 15.55 -14.23 40.98
C PHE A 8 16.66 -14.31 39.93
N GLY A 9 17.85 -14.76 40.34
CA GLY A 9 18.92 -14.94 39.36
C GLY A 9 18.65 -16.07 38.39
N GLU A 10 18.02 -17.15 38.86
CA GLU A 10 17.66 -18.24 37.96
C GLU A 10 16.72 -17.77 36.86
N VAL A 11 15.93 -16.73 37.12
CA VAL A 11 14.96 -16.24 36.14
C VAL A 11 15.61 -15.18 35.26
N PHE A 12 16.11 -14.10 35.88
CA PHE A 12 16.63 -12.98 35.08
C PHE A 12 17.91 -13.34 34.35
N ASN A 13 18.75 -14.19 34.94
CA ASN A 13 20.06 -14.52 34.37
C ASN A 13 20.10 -15.90 33.75
N ALA A 14 18.94 -16.49 33.45
CA ALA A 14 18.93 -17.80 32.79
C ALA A 14 19.62 -17.70 31.44
N THR A 15 20.37 -18.76 31.09
CA THR A 15 21.09 -18.77 29.83
C THR A 15 20.14 -18.88 28.65
N ARG A 16 19.15 -19.75 28.74
CA ARG A 16 18.14 -19.94 27.71
C ARG A 16 16.81 -19.39 28.18
N PHE A 17 16.05 -18.83 27.25
CA PHE A 17 14.72 -18.32 27.51
C PHE A 17 13.71 -19.08 26.67
N ALA A 18 12.46 -19.08 27.14
CA ALA A 18 11.41 -19.80 26.43
C ALA A 18 10.85 -18.95 25.30
N SER A 19 10.22 -19.63 24.35
CA SER A 19 9.39 -18.94 23.38
C SER A 19 8.16 -18.38 24.08
N VAL A 20 7.62 -17.30 23.53
CA VAL A 20 6.52 -16.61 24.19
C VAL A 20 5.29 -17.51 24.27
N TYR A 21 5.05 -18.34 23.24
CA TYR A 21 3.88 -19.21 23.27
C TYR A 21 3.98 -20.26 24.35
N ALA A 22 5.21 -20.63 24.74
CA ALA A 22 5.44 -21.59 25.81
C ALA A 22 6.15 -20.90 26.97
N TRP A 23 5.67 -19.73 27.36
CA TRP A 23 6.36 -18.91 28.35
C TRP A 23 6.58 -19.69 29.64
N ASN A 24 7.72 -19.44 30.28
CA ASN A 24 8.05 -20.15 31.51
C ASN A 24 7.47 -19.42 32.72
N ARG A 25 7.03 -20.18 33.71
CA ARG A 25 6.55 -19.63 34.97
C ARG A 25 7.36 -20.23 36.11
N LYS A 26 7.98 -19.38 36.91
CA LYS A 26 8.70 -19.78 38.11
C LYS A 26 7.92 -19.29 39.32
N ARG A 27 7.68 -20.19 40.27
CA ARG A 27 6.91 -19.89 41.47
C ARG A 27 7.87 -19.50 42.59
N ILE A 28 7.83 -18.23 43.00
CA ILE A 28 8.69 -17.69 44.04
C ILE A 28 7.91 -17.69 45.35
N SER A 29 8.43 -18.43 46.34
CA SER A 29 7.78 -18.55 47.64
C SER A 29 8.84 -18.91 48.68
N ASN A 30 8.52 -18.60 49.93
CA ASN A 30 9.30 -19.01 51.10
C ASN A 30 10.76 -18.54 50.98
N CYS A 31 10.92 -17.24 50.78
CA CYS A 31 12.25 -16.67 50.58
C CYS A 31 12.19 -15.16 50.80
N VAL A 32 13.36 -14.55 50.83
CA VAL A 32 13.51 -13.10 51.01
C VAL A 32 13.80 -12.49 49.65
N ALA A 33 12.95 -11.57 49.23
CA ALA A 33 13.05 -10.97 47.90
C ALA A 33 13.77 -9.62 48.01
N ASP A 34 14.88 -9.50 47.30
CA ASP A 34 15.62 -8.24 47.22
C ASP A 34 15.49 -7.75 45.78
N TYR A 35 14.71 -6.69 45.58
CA TYR A 35 14.43 -6.14 44.26
C TYR A 35 15.40 -5.03 43.87
N SER A 36 16.56 -4.95 44.54
CA SER A 36 17.51 -3.87 44.25
C SER A 36 18.08 -3.96 42.84
N PHE A 37 18.18 -5.17 42.28
CA PHE A 37 18.75 -5.33 40.95
C PHE A 37 17.93 -4.61 39.89
N LEU A 38 16.68 -4.23 40.18
CA LEU A 38 15.85 -3.54 39.22
C LEU A 38 16.11 -2.03 39.22
N TYR A 39 16.50 -1.47 40.36
CA TYR A 39 16.67 -0.01 40.46
C TYR A 39 18.03 0.43 39.92
N ASN A 40 19.10 -0.14 40.47
CA ASN A 40 20.43 0.46 40.35
C ASN A 40 20.95 0.43 38.91
N SER A 41 20.79 -0.71 38.24
CA SER A 41 21.62 -1.00 37.07
C SER A 41 21.33 -0.06 35.92
N ALA A 42 20.06 0.30 35.70
CA ALA A 42 19.63 0.96 34.46
C ALA A 42 20.05 0.13 33.26
N SER A 43 20.01 -1.20 33.42
CA SER A 43 20.36 -2.15 32.38
C SER A 43 19.14 -2.77 31.72
N PHE A 44 17.94 -2.29 32.06
CA PHE A 44 16.70 -2.73 31.45
C PHE A 44 16.10 -1.59 30.65
N SER A 45 15.56 -1.90 29.47
CA SER A 45 14.91 -0.89 28.65
C SER A 45 13.43 -0.73 28.99
N THR A 46 12.84 -1.66 29.72
CA THR A 46 11.46 -1.52 30.18
C THR A 46 11.37 -1.94 31.64
N PHE A 47 10.76 -1.09 32.47
CA PHE A 47 10.51 -1.38 33.88
C PHE A 47 9.22 -0.64 34.26
N LYS A 48 8.09 -1.34 34.19
CA LYS A 48 6.80 -0.72 34.41
C LYS A 48 5.99 -1.53 35.41
N CYS A 49 5.47 -0.87 36.44
CA CYS A 49 4.71 -1.57 37.46
C CYS A 49 3.26 -1.05 37.49
N TYR A 50 2.35 -1.95 37.87
CA TYR A 50 0.92 -1.72 37.88
C TYR A 50 0.37 -2.23 39.21
N GLY A 51 -0.44 -1.40 39.87
CA GLY A 51 -1.08 -1.78 41.11
C GLY A 51 -0.10 -1.82 42.26
N VAL A 52 1.14 -1.43 42.00
CA VAL A 52 2.20 -1.49 43.01
C VAL A 52 3.21 -0.40 42.71
N SER A 53 3.81 0.15 43.76
CA SER A 53 4.80 1.20 43.62
C SER A 53 6.16 0.59 43.30
N PRO A 54 6.84 1.06 42.25
CA PRO A 54 8.12 0.45 41.88
C PRO A 54 9.19 0.59 42.94
N THR A 55 9.31 1.78 43.54
CA THR A 55 10.40 2.05 44.48
C THR A 55 10.20 1.42 45.84
N LYS A 56 9.00 0.94 46.16
CA LYS A 56 8.69 0.40 47.49
C LYS A 56 8.64 -1.12 47.52
N LEU A 57 9.13 -1.79 46.48
CA LEU A 57 8.99 -3.24 46.39
C LEU A 57 9.68 -3.96 47.55
N ASN A 58 10.76 -3.39 48.09
CA ASN A 58 11.46 -4.04 49.19
C ASN A 58 10.71 -3.93 50.52
N ASP A 59 9.65 -3.13 50.59
CA ASP A 59 8.89 -2.98 51.82
C ASP A 59 7.66 -3.86 51.88
N LEU A 60 7.37 -4.60 50.82
CA LEU A 60 6.11 -5.33 50.70
C LEU A 60 6.30 -6.82 50.91
N CYS A 61 5.29 -7.44 51.50
CA CYS A 61 5.18 -8.89 51.61
C CYS A 61 4.05 -9.37 50.70
N PHE A 62 4.18 -10.59 50.20
CA PHE A 62 3.17 -11.17 49.33
C PHE A 62 2.96 -12.64 49.66
N THR A 63 1.76 -13.13 49.35
CA THR A 63 1.47 -14.55 49.50
C THR A 63 2.33 -15.37 48.56
N ASN A 64 2.35 -15.00 47.28
CA ASN A 64 3.22 -15.67 46.32
C ASN A 64 3.72 -14.67 45.29
N VAL A 65 4.82 -15.02 44.62
CA VAL A 65 5.30 -14.25 43.48
C VAL A 65 5.41 -15.20 42.30
N TYR A 66 5.08 -14.71 41.12
CA TYR A 66 5.27 -15.47 39.90
C TYR A 66 6.22 -14.71 38.99
N ALA A 67 7.20 -15.41 38.43
CA ALA A 67 8.15 -14.83 37.49
C ALA A 67 7.96 -15.55 36.17
N ASP A 68 7.26 -14.91 35.24
CA ASP A 68 7.10 -15.45 33.89
C ASP A 68 8.18 -14.87 32.99
N SER A 69 8.71 -15.69 32.10
CA SER A 69 9.84 -15.26 31.27
C SER A 69 9.68 -15.80 29.85
N PHE A 70 10.03 -14.97 28.88
CA PHE A 70 9.94 -15.32 27.46
C PHE A 70 10.71 -14.29 26.65
N VAL A 71 10.69 -14.46 25.32
CA VAL A 71 11.39 -13.58 24.39
C VAL A 71 10.42 -13.16 23.30
N ILE A 72 10.38 -11.86 23.00
CA ILE A 72 9.54 -11.35 21.92
C ILE A 72 10.30 -10.34 21.09
N ARG A 73 9.62 -9.68 20.15
CA ARG A 73 10.20 -8.57 19.42
C ARG A 73 10.12 -7.29 20.25
N GLY A 74 11.05 -6.38 20.01
CA GLY A 74 10.99 -5.08 20.67
C GLY A 74 9.69 -4.36 20.42
N ASP A 75 9.26 -4.32 19.15
CA ASP A 75 7.97 -3.75 18.78
C ASP A 75 6.82 -4.27 19.64
N GLU A 76 6.95 -5.48 20.17
CA GLU A 76 5.86 -6.14 20.87
C GLU A 76 5.93 -5.98 22.38
N VAL A 77 7.00 -5.39 22.92
CA VAL A 77 7.08 -5.25 24.37
C VAL A 77 5.94 -4.40 24.91
N ARG A 78 5.45 -3.44 24.10
CA ARG A 78 4.31 -2.62 24.51
C ARG A 78 3.05 -3.46 24.76
N GLN A 79 2.96 -4.66 24.19
CA GLN A 79 1.79 -5.51 24.38
C GLN A 79 1.79 -6.22 25.73
N ILE A 80 2.93 -6.27 26.43
CA ILE A 80 3.02 -6.93 27.72
C ILE A 80 2.59 -5.93 28.80
N ALA A 81 1.30 -5.65 28.83
CA ALA A 81 0.71 -4.69 29.75
C ALA A 81 -0.77 -4.94 29.80
N PRO A 82 -1.46 -4.52 30.87
CA PRO A 82 -2.91 -4.69 30.92
C PRO A 82 -3.61 -3.95 29.78
N GLY A 83 -4.63 -4.58 29.21
CA GLY A 83 -5.50 -3.93 28.25
C GLY A 83 -4.97 -3.78 26.85
N GLN A 84 -3.96 -4.56 26.46
CA GLN A 84 -3.36 -4.43 25.14
C GLN A 84 -3.90 -5.50 24.19
N THR A 85 -3.72 -5.25 22.89
CA THR A 85 -4.13 -6.15 21.83
C THR A 85 -2.99 -6.30 20.83
N GLY A 86 -3.09 -7.32 19.99
CA GLY A 86 -2.06 -7.68 19.05
C GLY A 86 -1.72 -9.16 19.13
N LYS A 87 -0.84 -9.59 18.24
CA LYS A 87 -0.54 -11.01 18.12
C LYS A 87 -0.05 -11.59 19.45
N ILE A 88 0.77 -10.84 20.20
CA ILE A 88 1.34 -11.37 21.43
C ILE A 88 0.29 -11.40 22.54
N ALA A 89 -0.30 -10.25 22.85
CA ALA A 89 -1.31 -10.19 23.90
C ALA A 89 -2.50 -11.10 23.59
N ASP A 90 -2.87 -11.22 22.31
CA ASP A 90 -4.07 -11.99 21.98
C ASP A 90 -3.79 -13.49 21.92
N TYR A 91 -2.64 -13.91 21.39
CA TYR A 91 -2.42 -15.32 21.08
C TYR A 91 -1.25 -15.95 21.81
N ASN A 92 -0.52 -15.21 22.65
CA ASN A 92 0.72 -15.74 23.20
C ASN A 92 0.86 -15.52 24.71
N TYR A 93 0.69 -14.30 25.17
CA TYR A 93 0.80 -14.00 26.60
C TYR A 93 -0.10 -12.82 26.93
N LYS A 94 -1.08 -13.05 27.80
CA LYS A 94 -2.14 -12.08 28.09
C LYS A 94 -2.11 -11.70 29.56
N LEU A 95 -1.95 -10.40 29.84
CA LEU A 95 -2.07 -9.92 31.20
C LEU A 95 -3.52 -9.52 31.49
N PRO A 96 -3.97 -9.66 32.74
CA PRO A 96 -5.33 -9.24 33.09
C PRO A 96 -5.42 -7.73 33.28
N ASP A 97 -6.65 -7.23 33.16
CA ASP A 97 -6.90 -5.80 33.32
C ASP A 97 -6.51 -5.30 34.71
N ASP A 98 -6.69 -6.14 35.73
CA ASP A 98 -6.33 -5.80 37.10
C ASP A 98 -4.97 -6.35 37.51
N PHE A 99 -4.03 -6.40 36.57
CA PHE A 99 -2.69 -6.92 36.85
C PHE A 99 -2.03 -6.15 37.98
N THR A 100 -1.42 -6.89 38.91
CA THR A 100 -0.65 -6.33 40.01
C THR A 100 0.77 -6.90 39.91
N GLY A 101 1.70 -6.09 39.42
CA GLY A 101 3.07 -6.54 39.28
C GLY A 101 3.85 -5.65 38.34
N CYS A 102 5.00 -6.16 37.90
CA CYS A 102 5.92 -5.37 37.09
C CYS A 102 6.33 -6.15 35.84
N VAL A 103 6.61 -5.39 34.77
CA VAL A 103 7.09 -5.93 33.51
C VAL A 103 8.48 -5.35 33.29
N ILE A 104 9.47 -6.23 33.10
CA ILE A 104 10.86 -5.86 32.90
C ILE A 104 11.32 -6.46 31.59
N ALA A 105 11.99 -5.66 30.76
CA ALA A 105 12.42 -6.14 29.45
C ALA A 105 13.75 -5.51 29.10
N TRP A 106 14.58 -6.29 28.39
CA TRP A 106 15.85 -5.76 27.91
C TRP A 106 16.20 -6.39 26.56
N ASN A 107 16.88 -5.58 25.75
CA ASN A 107 17.34 -6.04 24.44
C ASN A 107 18.35 -7.17 24.61
N SER A 108 18.16 -8.24 23.85
CA SER A 108 19.04 -9.40 23.88
C SER A 108 19.49 -9.78 22.49
N ASN A 109 19.77 -8.78 21.64
CA ASN A 109 20.20 -9.05 20.27
C ASN A 109 21.51 -9.82 20.24
N ASN A 110 22.42 -9.54 21.17
CA ASN A 110 23.72 -10.20 21.17
C ASN A 110 23.64 -11.66 21.62
N LEU A 111 22.54 -12.05 22.27
CA LEU A 111 22.39 -13.39 22.83
C LEU A 111 21.44 -14.27 22.02
N ASP A 112 20.35 -13.71 21.52
CA ASP A 112 19.29 -14.49 20.89
C ASP A 112 19.26 -14.39 19.38
N SER A 113 19.97 -13.43 18.78
CA SER A 113 20.11 -13.35 17.34
C SER A 113 21.31 -14.16 16.89
N LYS A 114 21.15 -14.86 15.77
CA LYS A 114 22.23 -15.62 15.16
C LYS A 114 22.28 -15.30 13.67
N VAL A 115 23.49 -15.34 13.10
CA VAL A 115 23.66 -15.04 11.69
C VAL A 115 22.89 -16.05 10.86
N GLY A 116 22.16 -15.56 9.87
CA GLY A 116 21.32 -16.42 9.06
C GLY A 116 19.99 -16.76 9.68
N GLY A 117 19.66 -16.20 10.84
CA GLY A 117 18.38 -16.43 11.47
C GLY A 117 18.40 -17.48 12.57
N ASN A 118 18.01 -17.09 13.78
CA ASN A 118 17.81 -18.02 14.88
C ASN A 118 16.36 -18.49 14.87
N TYR A 119 16.16 -19.80 14.69
CA TYR A 119 14.83 -20.37 14.49
C TYR A 119 14.30 -21.07 15.74
N ASN A 120 14.91 -20.82 16.90
CA ASN A 120 14.45 -21.47 18.12
C ASN A 120 13.26 -20.74 18.75
N TYR A 121 13.19 -19.42 18.61
CA TYR A 121 12.14 -18.63 19.22
C TYR A 121 10.96 -18.47 18.26
N LEU A 122 9.77 -18.81 18.75
CA LEU A 122 8.56 -18.81 17.93
C LEU A 122 7.45 -18.03 18.63
N TYR A 123 6.46 -17.63 17.85
CA TYR A 123 5.24 -17.04 18.36
C TYR A 123 4.05 -17.72 17.70
N ARG A 124 2.95 -17.84 18.44
CA ARG A 124 1.72 -18.35 17.86
C ARG A 124 1.12 -17.30 16.94
N LEU A 125 0.85 -17.71 15.69
CA LEU A 125 0.36 -16.81 14.66
C LEU A 125 -1.13 -16.97 14.39
N PHE A 126 -1.67 -18.16 14.56
CA PHE A 126 -3.07 -18.44 14.28
C PHE A 126 -3.75 -18.98 15.53
N ARG A 127 -4.93 -18.44 15.84
CA ARG A 127 -5.75 -18.93 16.95
C ARG A 127 -7.16 -18.37 16.78
N LYS A 128 -8.17 -19.20 17.08
CA LYS A 128 -9.55 -18.79 16.83
C LYS A 128 -9.97 -17.64 17.74
N SER A 129 -9.66 -17.73 19.02
N SER A 129 -9.67 -17.74 19.02
CA SER A 129 -10.06 -16.72 19.99
CA SER A 129 -10.07 -16.75 20.01
C SER A 129 -8.85 -16.30 20.82
C SER A 129 -8.85 -16.30 20.82
N ASN A 130 -9.03 -15.18 21.54
CA ASN A 130 -7.95 -14.65 22.35
C ASN A 130 -7.69 -15.53 23.57
N LEU A 131 -6.49 -15.37 24.11
CA LEU A 131 -6.13 -16.04 25.36
C LEU A 131 -6.78 -15.32 26.55
N LYS A 132 -7.23 -16.11 27.52
CA LYS A 132 -7.56 -15.56 28.82
C LYS A 132 -6.27 -15.13 29.52
N PRO A 133 -6.37 -14.28 30.53
CA PRO A 133 -5.17 -13.87 31.27
C PRO A 133 -4.40 -15.08 31.81
N PHE A 134 -3.09 -15.06 31.63
CA PHE A 134 -2.19 -16.09 32.16
C PHE A 134 -2.49 -17.47 31.59
N GLU A 135 -3.09 -17.53 30.41
CA GLU A 135 -3.30 -18.80 29.72
C GLU A 135 -2.09 -19.12 28.85
N ARG A 136 -1.76 -20.41 28.79
CA ARG A 136 -0.59 -20.89 28.07
C ARG A 136 -1.03 -21.97 27.10
N ASP A 137 -0.97 -21.68 25.80
CA ASP A 137 -1.38 -22.60 24.74
C ASP A 137 -0.13 -23.11 24.02
N ILE A 138 0.16 -24.39 24.19
CA ILE A 138 1.33 -25.02 23.58
C ILE A 138 0.93 -25.97 22.46
N SER A 139 -0.33 -25.92 22.02
CA SER A 139 -0.78 -26.80 20.95
C SER A 139 -0.05 -26.51 19.64
N THR A 140 0.20 -27.56 18.88
CA THR A 140 0.82 -27.42 17.56
C THR A 140 -0.07 -27.98 16.45
N GLU A 141 -1.36 -28.15 16.73
CA GLU A 141 -2.26 -28.68 15.72
C GLU A 141 -2.40 -27.70 14.56
N ILE A 142 -2.57 -28.26 13.35
CA ILE A 142 -2.71 -27.43 12.16
C ILE A 142 -3.97 -26.58 12.28
N TYR A 143 -3.83 -25.29 12.00
CA TYR A 143 -4.95 -24.36 12.15
C TYR A 143 -5.83 -24.40 10.90
N GLN A 144 -7.13 -24.58 11.13
CA GLN A 144 -8.11 -24.71 10.07
C GLN A 144 -8.72 -23.33 9.79
N ALA A 145 -8.44 -22.77 8.62
CA ALA A 145 -8.92 -21.45 8.24
C ALA A 145 -10.19 -21.49 7.40
N GLY A 146 -10.61 -22.66 6.95
CA GLY A 146 -11.84 -22.78 6.19
C GLY A 146 -12.74 -23.87 6.73
N SER A 147 -13.65 -24.37 5.90
CA SER A 147 -14.57 -25.42 6.33
C SER A 147 -13.99 -26.81 6.23
N THR A 148 -12.98 -27.01 5.37
CA THR A 148 -12.42 -28.33 5.15
C THR A 148 -11.42 -28.68 6.24
N PRO A 149 -11.61 -29.80 6.96
CA PRO A 149 -10.67 -30.17 8.02
C PRO A 149 -9.27 -30.43 7.46
N CYS A 150 -8.27 -30.23 8.31
CA CYS A 150 -6.88 -30.28 7.88
C CYS A 150 -6.24 -31.66 8.03
N ASN A 151 -6.72 -32.46 8.99
CA ASN A 151 -6.20 -33.82 9.19
C ASN A 151 -4.69 -33.83 9.38
N GLY A 152 -4.15 -32.76 9.96
CA GLY A 152 -2.74 -32.72 10.30
C GLY A 152 -1.78 -32.50 9.15
N VAL A 153 -2.25 -32.00 8.01
CA VAL A 153 -1.37 -31.69 6.88
C VAL A 153 -1.54 -30.22 6.54
N GLU A 154 -0.40 -29.53 6.34
CA GLU A 154 -0.43 -28.14 5.94
C GLU A 154 -0.91 -28.01 4.49
N GLY A 155 -1.44 -26.84 4.16
CA GLY A 155 -1.94 -26.60 2.83
C GLY A 155 -2.87 -25.39 2.84
N PHE A 156 -3.69 -25.31 1.79
CA PHE A 156 -4.64 -24.22 1.68
C PHE A 156 -5.61 -24.25 2.85
N ASN A 157 -5.77 -23.10 3.52
CA ASN A 157 -6.61 -22.96 4.70
C ASN A 157 -6.15 -23.86 5.85
N CYS A 158 -4.90 -24.31 5.81
CA CYS A 158 -4.37 -25.24 6.81
C CYS A 158 -2.94 -24.82 7.13
N TYR A 159 -2.78 -24.05 8.20
CA TYR A 159 -1.52 -23.43 8.57
C TYR A 159 -0.95 -24.08 9.83
N PHE A 160 0.36 -24.26 9.85
CA PHE A 160 1.04 -24.51 11.12
C PHE A 160 0.87 -23.28 12.00
N PRO A 161 0.43 -23.43 13.25
CA PRO A 161 0.03 -22.26 14.04
C PRO A 161 1.18 -21.42 14.57
N LEU A 162 2.41 -21.94 14.55
CA LEU A 162 3.55 -21.22 15.09
C LEU A 162 4.42 -20.70 13.96
N GLN A 163 5.01 -19.52 14.18
CA GLN A 163 5.93 -18.92 13.24
C GLN A 163 7.22 -18.53 13.95
N SER A 164 8.34 -18.79 13.30
CA SER A 164 9.63 -18.43 13.88
C SER A 164 9.90 -16.94 13.71
N TYR A 165 10.47 -16.33 14.75
CA TYR A 165 10.91 -14.95 14.64
C TYR A 165 12.09 -14.80 13.68
N GLY A 166 12.96 -15.81 13.62
CA GLY A 166 14.14 -15.75 12.79
C GLY A 166 15.01 -14.55 13.08
N PHE A 167 15.36 -14.36 14.34
CA PHE A 167 16.11 -13.19 14.76
C PHE A 167 17.47 -13.14 14.08
N GLN A 168 17.73 -12.07 13.34
CA GLN A 168 19.02 -11.84 12.73
C GLN A 168 19.64 -10.57 13.32
N PRO A 169 20.97 -10.55 13.50
CA PRO A 169 21.60 -9.35 14.08
C PRO A 169 21.39 -8.09 13.25
N THR A 170 21.13 -8.22 11.95
CA THR A 170 20.90 -7.07 11.08
C THR A 170 19.53 -6.45 11.29
N ASN A 171 18.65 -7.08 12.06
CA ASN A 171 17.31 -6.57 12.27
C ASN A 171 17.32 -5.17 12.86
N GLY A 172 16.35 -4.36 12.44
CA GLY A 172 16.07 -3.13 13.16
C GLY A 172 15.69 -3.41 14.60
N VAL A 173 15.87 -2.38 15.43
CA VAL A 173 15.70 -2.56 16.88
C VAL A 173 14.31 -3.09 17.21
N GLY A 174 13.29 -2.68 16.44
CA GLY A 174 11.94 -3.15 16.68
C GLY A 174 11.72 -4.61 16.37
N TYR A 175 12.56 -5.20 15.52
CA TYR A 175 12.45 -6.61 15.17
C TYR A 175 13.55 -7.45 15.81
N GLN A 176 14.31 -6.88 16.74
CA GLN A 176 15.34 -7.59 17.49
C GLN A 176 14.74 -8.28 18.70
N PRO A 177 15.38 -9.34 19.20
CA PRO A 177 14.82 -10.05 20.36
C PRO A 177 14.98 -9.25 21.65
N TYR A 178 13.96 -9.33 22.49
CA TYR A 178 13.95 -8.74 23.82
C TYR A 178 13.52 -9.81 24.80
N ARG A 179 14.30 -9.97 25.87
CA ARG A 179 13.94 -10.87 26.95
C ARG A 179 13.04 -10.13 27.93
N VAL A 180 11.98 -10.81 28.37
CA VAL A 180 10.92 -10.22 29.18
C VAL A 180 10.68 -11.11 30.40
N VAL A 181 10.64 -10.47 31.57
CA VAL A 181 10.23 -11.09 32.83
C VAL A 181 9.06 -10.30 33.39
N VAL A 182 7.97 -11.00 33.67
CA VAL A 182 6.78 -10.45 34.30
C VAL A 182 6.72 -10.98 35.73
N LEU A 183 6.76 -10.07 36.70
CA LEU A 183 6.59 -10.41 38.11
C LEU A 183 5.14 -10.12 38.51
N SER A 184 4.42 -11.18 38.87
CA SER A 184 3.06 -11.09 39.38
C SER A 184 3.09 -11.23 40.90
N PHE A 185 2.39 -10.34 41.59
CA PHE A 185 2.39 -10.28 43.04
C PHE A 185 1.01 -10.72 43.53
N GLU A 186 0.97 -11.81 44.30
CA GLU A 186 -0.27 -12.42 44.76
C GLU A 186 -0.39 -12.22 46.26
N LEU A 187 -1.42 -11.49 46.68
CA LEU A 187 -1.72 -11.23 48.09
C LEU A 187 -3.08 -11.84 48.41
N LEU A 188 -3.08 -12.95 49.14
CA LEU A 188 -4.29 -13.66 49.50
C LEU A 188 -4.41 -13.78 51.01
N HIS A 189 -5.50 -14.38 51.46
CA HIS A 189 -5.74 -14.60 52.89
C HIS A 189 -4.98 -15.80 53.40
N ALA A 190 -3.68 -15.84 53.11
CA ALA A 190 -2.79 -16.94 53.45
C ALA A 190 -1.51 -16.36 54.03
N PRO A 191 -0.66 -17.19 54.63
CA PRO A 191 0.63 -16.68 55.10
C PRO A 191 1.45 -16.07 53.97
N ALA A 192 2.04 -14.92 54.25
CA ALA A 192 2.90 -14.24 53.29
C ALA A 192 4.29 -14.86 53.34
N THR A 193 4.70 -15.50 52.24
CA THR A 193 5.95 -16.23 52.23
C THR A 193 7.07 -15.51 51.48
N VAL A 194 6.79 -14.37 50.86
CA VAL A 194 7.81 -13.60 50.14
C VAL A 194 7.78 -12.18 50.68
N CYS A 195 8.78 -11.83 51.49
CA CYS A 195 8.93 -10.50 52.06
C CYS A 195 10.26 -9.90 51.64
N GLY A 196 10.34 -8.57 51.70
CA GLY A 196 11.57 -7.87 51.42
C GLY A 196 12.58 -8.04 52.54
N PRO A 197 13.71 -7.33 52.44
CA PRO A 197 14.72 -7.41 53.49
C PRO A 197 14.18 -6.98 54.84
N LYS A 198 14.86 -7.45 55.90
CA LYS A 198 14.40 -7.32 57.29
C LYS A 198 13.04 -7.97 57.50
N GLU B 1 -15.96 -22.26 -4.79
CA GLU B 1 -14.95 -21.36 -5.32
C GLU B 1 -14.38 -20.46 -4.22
N VAL B 2 -13.09 -20.14 -4.31
CA VAL B 2 -12.42 -19.24 -3.38
C VAL B 2 -12.43 -17.85 -4.00
N GLN B 3 -13.18 -16.93 -3.41
CA GLN B 3 -13.28 -15.59 -3.98
C GLN B 3 -13.77 -14.62 -2.92
N LEU B 4 -13.47 -13.34 -3.15
CA LEU B 4 -14.00 -12.22 -2.38
C LEU B 4 -14.73 -11.29 -3.34
N VAL B 5 -16.00 -11.02 -3.03
CA VAL B 5 -16.86 -10.19 -3.89
C VAL B 5 -17.19 -8.91 -3.12
N GLU B 6 -16.77 -7.78 -3.66
CA GLU B 6 -16.92 -6.50 -2.99
C GLU B 6 -18.08 -5.70 -3.59
N SER B 7 -18.64 -4.83 -2.76
CA SER B 7 -19.67 -3.90 -3.21
C SER B 7 -19.74 -2.74 -2.22
N GLY B 8 -20.53 -1.74 -2.56
CA GLY B 8 -20.81 -0.62 -1.68
C GLY B 8 -20.08 0.67 -2.02
N GLY B 9 -19.15 0.64 -2.96
CA GLY B 9 -18.47 1.86 -3.36
C GLY B 9 -19.39 2.78 -4.12
N GLY B 10 -18.96 4.04 -4.22
CA GLY B 10 -19.73 5.03 -4.95
C GLY B 10 -19.21 6.42 -4.70
N LEU B 11 -20.01 7.39 -5.14
CA LEU B 11 -19.67 8.81 -5.07
C LEU B 11 -20.32 9.42 -3.84
N ILE B 12 -19.55 10.21 -3.10
CA ILE B 12 -20.06 10.83 -1.88
C ILE B 12 -19.27 12.10 -1.59
N GLN B 13 -19.90 13.03 -0.87
CA GLN B 13 -19.34 14.32 -0.49
C GLN B 13 -18.42 14.18 0.72
N PRO B 14 -17.45 15.08 0.86
CA PRO B 14 -16.61 15.07 2.07
C PRO B 14 -17.46 15.22 3.31
N GLY B 15 -17.11 14.47 4.36
CA GLY B 15 -17.90 14.41 5.56
C GLY B 15 -18.97 13.34 5.55
N GLY B 16 -19.23 12.71 4.40
CA GLY B 16 -20.21 11.66 4.31
C GLY B 16 -19.69 10.32 4.80
N SER B 17 -20.58 9.33 4.77
CA SER B 17 -20.29 8.00 5.26
CA SER B 17 -20.29 8.00 5.26
C SER B 17 -20.68 6.96 4.21
N LEU B 18 -19.91 5.88 4.16
CA LEU B 18 -20.11 4.83 3.16
C LEU B 18 -19.73 3.50 3.78
N ARG B 19 -20.50 2.46 3.49
CA ARG B 19 -20.15 1.12 3.97
C ARG B 19 -19.81 0.23 2.79
N LEU B 20 -18.63 -0.40 2.86
CA LEU B 20 -18.19 -1.36 1.87
C LEU B 20 -18.37 -2.76 2.42
N SER B 21 -18.75 -3.70 1.55
CA SER B 21 -18.98 -5.08 1.89
C SER B 21 -18.10 -5.98 1.06
N CYS B 22 -17.77 -7.15 1.63
CA CYS B 22 -16.84 -8.09 1.03
C CYS B 22 -17.29 -9.50 1.43
N ALA B 23 -18.03 -10.16 0.53
CA ALA B 23 -18.53 -11.50 0.77
C ALA B 23 -17.47 -12.53 0.39
N ALA B 24 -17.24 -13.50 1.25
CA ALA B 24 -16.18 -14.47 1.08
C ALA B 24 -16.73 -15.84 0.69
N SER B 25 -15.91 -16.60 -0.03
CA SER B 25 -16.20 -17.99 -0.33
C SER B 25 -14.89 -18.76 -0.40
N GLY B 26 -14.90 -19.98 0.15
CA GLY B 26 -13.72 -20.82 0.18
C GLY B 26 -12.94 -20.77 1.47
N PHE B 27 -13.29 -19.87 2.38
CA PHE B 27 -12.67 -19.82 3.70
C PHE B 27 -13.61 -19.05 4.62
N THR B 28 -13.33 -19.14 5.92
CA THR B 28 -14.17 -18.54 6.94
C THR B 28 -13.57 -17.21 7.38
N VAL B 29 -14.39 -16.15 7.33
CA VAL B 29 -13.89 -14.82 7.65
C VAL B 29 -13.49 -14.74 9.13
N SER B 30 -14.33 -15.25 10.03
CA SER B 30 -14.07 -15.16 11.46
C SER B 30 -12.83 -15.92 11.91
N ARG B 31 -12.23 -16.73 11.05
CA ARG B 31 -11.08 -17.53 11.43
C ARG B 31 -9.78 -17.01 10.83
N ASN B 32 -9.79 -15.85 10.19
CA ASN B 32 -8.64 -15.32 9.51
C ASN B 32 -8.37 -13.88 9.92
N TYR B 33 -7.13 -13.45 9.73
CA TYR B 33 -6.86 -12.03 9.56
C TYR B 33 -7.53 -11.56 8.28
N MET B 34 -8.29 -10.48 8.36
CA MET B 34 -8.90 -9.90 7.17
C MET B 34 -8.51 -8.43 7.10
N SER B 35 -8.04 -7.99 5.93
CA SER B 35 -7.51 -6.65 5.75
C SER B 35 -8.24 -5.91 4.65
N TRP B 36 -8.28 -4.58 4.79
CA TRP B 36 -8.63 -3.66 3.73
C TRP B 36 -7.38 -2.90 3.30
N VAL B 37 -7.15 -2.86 1.99
CA VAL B 37 -6.03 -2.17 1.36
C VAL B 37 -6.59 -1.31 0.23
N ARG B 38 -6.16 -0.06 0.13
CA ARG B 38 -6.70 0.82 -0.89
C ARG B 38 -5.61 1.34 -1.82
N GLN B 39 -6.04 1.87 -2.96
CA GLN B 39 -5.13 2.34 -4.01
C GLN B 39 -5.73 3.58 -4.64
N ALA B 40 -5.15 4.74 -4.37
CA ALA B 40 -5.62 5.98 -4.97
C ALA B 40 -5.25 6.02 -6.45
N PRO B 41 -5.96 6.84 -7.25
CA PRO B 41 -5.67 6.90 -8.70
C PRO B 41 -4.20 7.13 -9.03
N GLY B 42 -3.61 6.19 -9.77
CA GLY B 42 -2.22 6.30 -10.18
C GLY B 42 -1.19 6.15 -9.08
N LYS B 43 -1.57 5.60 -7.92
CA LYS B 43 -0.68 5.46 -6.79
C LYS B 43 -0.47 3.99 -6.48
N GLY B 44 0.26 3.72 -5.38
CA GLY B 44 0.51 2.37 -4.94
C GLY B 44 -0.49 1.89 -3.92
N LEU B 45 -0.17 0.75 -3.31
CA LEU B 45 -1.06 0.13 -2.34
C LEU B 45 -0.84 0.72 -0.95
N GLU B 46 -1.95 0.99 -0.25
CA GLU B 46 -1.90 1.50 1.11
C GLU B 46 -2.78 0.62 2.00
N TRP B 47 -2.18 0.00 3.01
CA TRP B 47 -2.96 -0.78 3.96
C TRP B 47 -3.86 0.12 4.78
N VAL B 48 -5.13 -0.28 4.91
CA VAL B 48 -6.14 0.51 5.60
C VAL B 48 -6.45 -0.06 6.97
N SER B 49 -6.78 -1.35 7.04
CA SER B 49 -7.31 -1.87 8.29
C SER B 49 -7.16 -3.39 8.34
N VAL B 50 -7.19 -3.92 9.56
CA VAL B 50 -7.13 -5.37 9.75
C VAL B 50 -7.99 -5.75 10.96
N ILE B 51 -8.59 -6.94 10.88
CA ILE B 51 -9.32 -7.54 11.99
C ILE B 51 -8.80 -8.97 12.18
N TYR B 52 -8.41 -9.28 13.41
CA TYR B 52 -7.93 -10.60 13.79
C TYR B 52 -9.10 -11.55 13.98
N SER B 53 -8.81 -12.86 13.86
CA SER B 53 -9.85 -13.85 14.12
C SER B 53 -10.37 -13.74 15.54
N GLY B 54 -9.51 -13.35 16.48
CA GLY B 54 -9.92 -13.13 17.86
C GLY B 54 -10.70 -11.86 18.12
N GLY B 55 -10.79 -10.96 17.14
CA GLY B 55 -11.60 -9.77 17.24
C GLY B 55 -10.84 -8.46 17.32
N SER B 56 -9.53 -8.51 17.58
CA SER B 56 -8.75 -7.28 17.62
C SER B 56 -8.77 -6.59 16.27
N THR B 57 -8.86 -5.27 16.29
CA THR B 57 -8.88 -4.46 15.08
C THR B 57 -7.77 -3.43 15.14
N PHE B 58 -7.23 -3.10 13.96
CA PHE B 58 -6.17 -2.10 13.84
C PHE B 58 -6.37 -1.30 12.56
N TYR B 59 -5.87 -0.06 12.58
CA TYR B 59 -6.08 0.88 11.49
C TYR B 59 -4.79 1.63 11.20
N ALA B 60 -4.61 2.00 9.93
CA ALA B 60 -3.57 2.93 9.56
C ALA B 60 -3.85 4.30 10.16
N ASP B 61 -2.78 5.06 10.42
CA ASP B 61 -2.92 6.39 11.02
C ASP B 61 -3.81 7.32 10.17
N SER B 62 -3.79 7.15 8.85
CA SER B 62 -4.53 8.06 7.98
C SER B 62 -6.04 7.89 8.10
N VAL B 63 -6.51 6.76 8.60
CA VAL B 63 -7.95 6.51 8.73
C VAL B 63 -8.37 6.25 10.17
N LYS B 64 -7.42 6.17 11.10
CA LYS B 64 -7.75 5.85 12.49
C LYS B 64 -8.69 6.90 13.07
N GLY B 65 -9.74 6.43 13.74
CA GLY B 65 -10.75 7.31 14.29
C GLY B 65 -11.91 7.61 13.36
N ARG B 66 -11.78 7.30 12.07
CA ARG B 66 -12.84 7.55 11.10
C ARG B 66 -13.41 6.28 10.48
N PHE B 67 -12.61 5.23 10.32
CA PHE B 67 -13.07 3.97 9.75
C PHE B 67 -13.26 2.94 10.85
N THR B 68 -14.14 1.98 10.58
CA THR B 68 -14.41 0.87 11.49
C THR B 68 -14.54 -0.40 10.67
N ILE B 69 -13.66 -1.36 10.92
CA ILE B 69 -13.74 -2.66 10.26
C ILE B 69 -14.58 -3.59 11.13
N SER B 70 -15.36 -4.44 10.48
CA SER B 70 -16.20 -5.37 11.24
C SER B 70 -16.52 -6.57 10.35
N ARG B 71 -17.23 -7.53 10.91
CA ARG B 71 -17.56 -8.75 10.17
C ARG B 71 -18.88 -9.30 10.67
N ASP B 72 -19.54 -10.06 9.79
CA ASP B 72 -20.73 -10.82 10.12
C ASP B 72 -20.42 -12.28 9.80
N ASN B 73 -20.39 -13.11 10.86
CA ASN B 73 -20.06 -14.52 10.67
C ASN B 73 -21.19 -15.28 10.01
N SER B 74 -22.44 -14.91 10.31
CA SER B 74 -23.58 -15.61 9.71
C SER B 74 -23.60 -15.45 8.20
N LYS B 75 -23.08 -14.33 7.69
CA LYS B 75 -23.00 -14.09 6.26
C LYS B 75 -21.59 -14.26 5.71
N ASN B 76 -20.63 -14.60 6.57
CA ASN B 76 -19.23 -14.77 6.17
C ASN B 76 -18.75 -13.57 5.38
N THR B 77 -19.01 -12.37 5.92
CA THR B 77 -18.80 -11.13 5.17
C THR B 77 -18.05 -10.10 6.00
N LEU B 78 -17.09 -9.44 5.37
CA LEU B 78 -16.33 -8.35 5.96
C LEU B 78 -16.94 -7.01 5.57
N TYR B 79 -16.85 -6.05 6.49
CA TYR B 79 -17.38 -4.72 6.26
C TYR B 79 -16.34 -3.67 6.65
N LEU B 80 -16.37 -2.56 5.92
CA LEU B 80 -15.61 -1.36 6.30
C LEU B 80 -16.57 -0.18 6.29
N GLN B 81 -16.80 0.40 7.48
CA GLN B 81 -17.62 1.60 7.63
C GLN B 81 -16.71 2.82 7.62
N MET B 82 -16.89 3.71 6.66
CA MET B 82 -16.06 4.88 6.48
C MET B 82 -16.86 6.12 6.81
N ASN B 83 -16.42 6.86 7.82
CA ASN B 83 -17.06 8.10 8.23
C ASN B 83 -16.10 9.27 8.04
N SER B 84 -16.66 10.48 8.05
CA SER B 84 -15.89 11.71 7.91
C SER B 84 -14.95 11.64 6.71
N LEU B 85 -15.48 11.17 5.58
CA LEU B 85 -14.66 10.94 4.41
C LEU B 85 -14.06 12.24 3.89
N ARG B 86 -12.89 12.12 3.30
CA ARG B 86 -12.17 13.26 2.73
C ARG B 86 -11.77 12.94 1.29
N ALA B 87 -11.45 14.00 0.55
CA ALA B 87 -11.09 13.83 -0.86
C ALA B 87 -9.98 12.82 -1.05
N GLU B 88 -8.97 12.83 -0.16
CA GLU B 88 -7.84 11.93 -0.30
C GLU B 88 -8.20 10.48 0.05
N ASP B 89 -9.40 10.22 0.54
CA ASP B 89 -9.87 8.84 0.69
C ASP B 89 -10.28 8.22 -0.64
N THR B 90 -10.36 9.02 -1.71
CA THR B 90 -10.72 8.51 -3.04
C THR B 90 -9.76 7.42 -3.48
N ALA B 91 -10.28 6.24 -3.80
CA ALA B 91 -9.42 5.11 -4.11
C ALA B 91 -10.26 3.91 -4.53
N VAL B 92 -9.60 2.94 -5.15
CA VAL B 92 -10.15 1.59 -5.23
C VAL B 92 -9.83 0.87 -3.93
N TYR B 93 -10.84 0.30 -3.30
CA TYR B 93 -10.68 -0.42 -2.02
C TYR B 93 -10.78 -1.92 -2.28
N TYR B 94 -9.79 -2.66 -1.77
CA TYR B 94 -9.74 -4.10 -1.85
C TYR B 94 -9.85 -4.68 -0.45
N CYS B 95 -10.54 -5.80 -0.33
CA CYS B 95 -10.41 -6.65 0.85
C CYS B 95 -9.52 -7.84 0.50
N ALA B 96 -8.92 -8.41 1.53
CA ALA B 96 -8.01 -9.54 1.33
C ALA B 96 -7.96 -10.38 2.59
N ARG B 97 -7.81 -11.69 2.38
CA ARG B 97 -7.48 -12.59 3.48
C ARG B 97 -5.98 -12.47 3.75
N ASP B 98 -5.64 -11.98 4.94
CA ASP B 98 -4.26 -11.74 5.33
C ASP B 98 -3.73 -12.95 6.09
N GLY B 99 -2.42 -13.19 5.94
CA GLY B 99 -1.81 -14.33 6.61
C GLY B 99 -0.51 -13.99 7.32
N ASP B 100 -0.30 -12.70 7.59
CA ASP B 100 0.91 -12.19 8.23
C ASP B 100 2.13 -12.66 7.46
N TYR B 101 2.89 -13.61 8.03
CA TYR B 101 4.06 -14.16 7.34
C TYR B 101 3.69 -14.78 6.00
N TYR B 102 2.45 -15.22 5.81
CA TYR B 102 2.01 -15.87 4.60
C TYR B 102 1.48 -14.90 3.55
N GLY B 103 1.58 -13.59 3.81
CA GLY B 103 1.12 -12.61 2.85
C GLY B 103 -0.39 -12.63 2.68
N MET B 104 -0.86 -11.83 1.72
CA MET B 104 -2.28 -11.70 1.42
C MET B 104 -2.55 -12.45 0.14
N ASP B 105 -3.17 -13.63 0.26
CA ASP B 105 -3.29 -14.55 -0.86
C ASP B 105 -4.60 -14.42 -1.63
N VAL B 106 -5.71 -14.07 -0.98
CA VAL B 106 -7.01 -13.94 -1.65
C VAL B 106 -7.44 -12.48 -1.59
N TRP B 107 -7.67 -11.90 -2.76
CA TRP B 107 -8.06 -10.50 -2.89
C TRP B 107 -9.42 -10.38 -3.57
N GLY B 108 -10.21 -9.39 -3.15
CA GLY B 108 -11.43 -9.06 -3.85
C GLY B 108 -11.17 -8.32 -5.13
N GLN B 109 -12.23 -8.09 -5.91
CA GLN B 109 -12.07 -7.42 -7.20
C GLN B 109 -11.95 -5.92 -7.07
N GLY B 110 -12.14 -5.37 -5.87
CA GLY B 110 -12.05 -3.93 -5.68
C GLY B 110 -13.36 -3.23 -5.92
N THR B 111 -13.62 -2.17 -5.15
CA THR B 111 -14.77 -1.30 -5.39
C THR B 111 -14.30 0.15 -5.28
N THR B 112 -14.85 1.00 -6.13
CA THR B 112 -14.32 2.36 -6.29
C THR B 112 -15.06 3.34 -5.40
N VAL B 113 -14.31 4.15 -4.66
CA VAL B 113 -14.85 5.20 -3.80
C VAL B 113 -14.33 6.53 -4.29
N THR B 114 -15.24 7.47 -4.51
CA THR B 114 -14.90 8.82 -4.93
C THR B 114 -15.50 9.80 -3.94
N VAL B 115 -14.65 10.59 -3.30
CA VAL B 115 -15.07 11.60 -2.34
C VAL B 115 -14.78 12.97 -2.94
N SER B 116 -15.83 13.74 -3.20
CA SER B 116 -15.66 15.05 -3.83
C SER B 116 -16.87 15.90 -3.51
N SER B 117 -16.66 17.21 -3.46
CA SER B 117 -17.72 18.19 -3.35
C SER B 117 -18.08 18.80 -4.69
N ALA B 118 -17.49 18.31 -5.78
CA ALA B 118 -17.79 18.83 -7.11
C ALA B 118 -19.21 18.47 -7.52
N SER B 119 -19.86 19.38 -8.24
CA SER B 119 -21.15 19.09 -8.83
C SER B 119 -20.98 18.30 -10.13
N THR B 120 -21.90 17.37 -10.37
CA THR B 120 -21.90 16.66 -11.64
C THR B 120 -22.10 17.64 -12.78
N LYS B 121 -21.22 17.55 -13.79
CA LYS B 121 -21.21 18.54 -14.87
C LYS B 121 -20.67 17.91 -16.14
N GLY B 122 -21.36 18.18 -17.26
CA GLY B 122 -20.89 17.76 -18.56
C GLY B 122 -19.78 18.65 -19.08
N PRO B 123 -18.89 18.09 -19.88
CA PRO B 123 -17.70 18.83 -20.31
C PRO B 123 -17.99 19.81 -21.43
N SER B 124 -17.17 20.86 -21.47
CA SER B 124 -17.04 21.66 -22.69
C SER B 124 -16.03 20.98 -23.60
N VAL B 125 -16.28 21.01 -24.91
CA VAL B 125 -15.40 20.38 -25.89
C VAL B 125 -14.85 21.48 -26.79
N PHE B 126 -13.54 21.69 -26.71
CA PHE B 126 -12.92 22.71 -27.53
C PHE B 126 -12.00 22.09 -28.58
N PRO B 127 -11.89 22.68 -29.77
CA PRO B 127 -11.00 22.11 -30.79
C PRO B 127 -9.54 22.34 -30.46
N LEU B 128 -8.71 21.40 -30.87
CA LEU B 128 -7.26 21.54 -30.95
C LEU B 128 -6.97 21.52 -32.43
N ALA B 129 -6.93 22.70 -33.05
CA ALA B 129 -6.96 22.84 -34.49
C ALA B 129 -5.61 22.50 -35.10
N PRO B 130 -5.59 21.79 -36.23
CA PRO B 130 -4.32 21.45 -36.88
C PRO B 130 -3.54 22.69 -37.25
N SER B 131 -2.23 22.65 -37.02
CA SER B 131 -1.37 23.79 -37.31
C SER B 131 -1.40 24.12 -38.79
N SER B 132 -1.20 25.39 -39.10
CA SER B 132 -1.19 25.87 -40.48
C SER B 132 0.11 25.54 -41.21
N LYS B 133 1.15 25.09 -40.50
CA LYS B 133 2.42 24.74 -41.12
C LYS B 133 2.45 23.27 -41.54
N GLY B 137 7.76 13.54 -44.32
CA GLY B 137 6.39 13.07 -44.24
C GLY B 137 5.41 14.15 -43.84
N GLY B 138 4.28 14.23 -44.54
CA GLY B 138 3.28 15.23 -44.25
C GLY B 138 2.17 14.73 -43.35
N THR B 139 2.38 14.85 -42.03
CA THR B 139 1.40 14.41 -41.04
C THR B 139 1.07 15.55 -40.10
N ALA B 140 -0.23 15.81 -39.93
CA ALA B 140 -0.73 16.84 -39.03
C ALA B 140 -1.37 16.18 -37.81
N ALA B 141 -1.47 16.94 -36.74
CA ALA B 141 -2.11 16.48 -35.51
C ALA B 141 -3.25 17.41 -35.17
N LEU B 142 -4.40 16.85 -34.81
CA LEU B 142 -5.55 17.63 -34.35
C LEU B 142 -6.19 16.91 -33.17
N GLY B 143 -7.14 17.57 -32.52
CA GLY B 143 -7.72 16.92 -31.35
C GLY B 143 -8.89 17.68 -30.75
N CYS B 144 -9.33 17.18 -29.60
CA CYS B 144 -10.39 17.76 -28.79
C CYS B 144 -9.95 17.84 -27.34
N LEU B 145 -10.15 19.01 -26.73
CA LEU B 145 -9.96 19.20 -25.30
C LEU B 145 -11.32 19.09 -24.61
N VAL B 146 -11.46 18.07 -23.77
CA VAL B 146 -12.69 17.77 -23.06
C VAL B 146 -12.50 18.28 -21.63
N LYS B 147 -13.03 19.45 -21.33
CA LYS B 147 -12.66 20.19 -20.12
C LYS B 147 -13.82 20.32 -19.15
N ASP B 148 -13.50 20.27 -17.84
CA ASP B 148 -14.40 20.69 -16.77
C ASP B 148 -15.63 19.79 -16.64
N TYR B 149 -15.40 18.50 -16.41
CA TYR B 149 -16.50 17.56 -16.21
C TYR B 149 -16.31 16.80 -14.90
N PHE B 150 -17.42 16.22 -14.42
CA PHE B 150 -17.40 15.41 -13.21
C PHE B 150 -18.70 14.62 -13.15
N PRO B 151 -18.66 13.35 -12.74
CA PRO B 151 -17.45 12.60 -12.41
C PRO B 151 -16.89 11.89 -13.64
N GLU B 152 -15.87 11.06 -13.44
CA GLU B 152 -15.43 10.15 -14.47
C GLU B 152 -16.52 9.12 -14.75
N PRO B 153 -16.55 8.54 -15.97
CA PRO B 153 -15.65 8.79 -17.09
C PRO B 153 -16.31 9.51 -18.26
N VAL B 154 -15.51 9.91 -19.23
CA VAL B 154 -15.99 10.29 -20.56
C VAL B 154 -15.42 9.29 -21.55
N THR B 155 -16.13 9.10 -22.66
CA THR B 155 -15.61 8.34 -23.79
C THR B 155 -15.51 9.26 -25.00
N VAL B 156 -14.46 9.07 -25.78
CA VAL B 156 -14.22 9.87 -26.97
C VAL B 156 -14.01 8.93 -28.16
N SER B 157 -14.78 9.15 -29.22
CA SER B 157 -14.53 8.50 -30.50
C SER B 157 -14.31 9.57 -31.57
N TRP B 158 -13.90 9.15 -32.75
CA TRP B 158 -13.69 10.07 -33.86
C TRP B 158 -14.46 9.59 -35.07
N ASN B 159 -15.20 10.51 -35.69
CA ASN B 159 -16.02 10.22 -36.87
C ASN B 159 -16.89 8.99 -36.64
N SER B 160 -17.51 8.95 -35.46
CA SER B 160 -18.48 7.91 -35.10
C SER B 160 -17.88 6.51 -35.17
N GLY B 161 -16.58 6.39 -34.89
CA GLY B 161 -15.89 5.11 -34.90
C GLY B 161 -15.13 4.81 -36.17
N ALA B 162 -15.35 5.55 -37.25
CA ALA B 162 -14.67 5.26 -38.51
C ALA B 162 -13.22 5.71 -38.52
N LEU B 163 -12.75 6.38 -37.47
CA LEU B 163 -11.37 6.83 -37.36
C LEU B 163 -10.81 6.33 -36.03
N THR B 164 -9.94 5.33 -36.09
CA THR B 164 -9.40 4.73 -34.88
C THR B 164 -7.87 4.68 -34.92
N SER B 165 -7.32 4.62 -36.14
CA SER B 165 -5.87 4.58 -36.29
C SER B 165 -5.26 5.93 -35.93
N GLY B 166 -4.24 5.89 -35.07
CA GLY B 166 -3.54 7.10 -34.69
C GLY B 166 -4.21 7.93 -33.61
N VAL B 167 -5.21 7.40 -32.92
CA VAL B 167 -5.94 8.13 -31.89
C VAL B 167 -5.31 7.85 -30.53
N HIS B 168 -5.00 8.91 -29.79
CA HIS B 168 -4.54 8.81 -28.41
C HIS B 168 -5.47 9.61 -27.53
N THR B 169 -6.24 8.94 -26.69
CA THR B 169 -7.11 9.60 -25.72
C THR B 169 -6.44 9.48 -24.35
N PHE B 170 -6.03 10.61 -23.81
CA PHE B 170 -5.18 10.62 -22.64
C PHE B 170 -5.99 10.39 -21.37
N PRO B 171 -5.36 9.83 -20.33
CA PRO B 171 -6.01 9.78 -19.03
C PRO B 171 -6.38 11.19 -18.55
N ALA B 172 -7.53 11.30 -17.91
CA ALA B 172 -7.96 12.58 -17.36
C ALA B 172 -7.05 12.99 -16.21
N VAL B 173 -6.88 14.30 -16.06
CA VAL B 173 -6.23 14.87 -14.89
C VAL B 173 -7.29 15.58 -14.07
N LEU B 174 -7.14 15.51 -12.75
CA LEU B 174 -8.03 16.19 -11.82
C LEU B 174 -7.49 17.59 -11.58
N GLN B 175 -8.26 18.61 -11.96
CA GLN B 175 -7.83 19.97 -11.74
C GLN B 175 -8.11 20.39 -10.29
N SER B 176 -7.47 21.47 -9.87
CA SER B 176 -7.65 21.96 -8.51
C SER B 176 -9.08 22.41 -8.24
N SER B 177 -9.85 22.70 -9.29
CA SER B 177 -11.26 23.02 -9.11
C SER B 177 -12.09 21.80 -8.72
N GLY B 178 -11.54 20.60 -8.83
CA GLY B 178 -12.30 19.39 -8.61
C GLY B 178 -12.91 18.78 -9.86
N LEU B 179 -12.79 19.45 -11.01
CA LEU B 179 -13.33 18.95 -12.26
C LEU B 179 -12.21 18.30 -13.09
N TYR B 180 -12.58 17.31 -13.88
CA TYR B 180 -11.62 16.59 -14.70
C TYR B 180 -11.44 17.25 -16.06
N SER B 181 -10.27 17.02 -16.64
CA SER B 181 -9.97 17.49 -17.98
C SER B 181 -9.19 16.40 -18.71
N LEU B 182 -9.41 16.32 -20.01
CA LEU B 182 -8.87 15.23 -20.82
C LEU B 182 -8.63 15.77 -22.22
N SER B 183 -7.71 15.14 -22.93
CA SER B 183 -7.50 15.48 -24.33
C SER B 183 -7.52 14.19 -25.15
N SER B 184 -8.01 14.32 -26.38
CA SER B 184 -7.98 13.23 -27.35
C SER B 184 -7.40 13.78 -28.64
N VAL B 185 -6.34 13.17 -29.14
CA VAL B 185 -5.67 13.66 -30.34
C VAL B 185 -5.58 12.55 -31.38
N VAL B 186 -5.31 12.97 -32.61
CA VAL B 186 -5.15 12.04 -33.72
C VAL B 186 -4.24 12.70 -34.76
N THR B 187 -3.33 11.90 -35.31
CA THR B 187 -2.46 12.31 -36.40
C THR B 187 -3.04 11.78 -37.70
N VAL B 188 -3.17 12.65 -38.70
CA VAL B 188 -3.77 12.33 -39.98
C VAL B 188 -2.84 12.88 -41.07
N PRO B 189 -3.02 12.49 -42.33
CA PRO B 189 -2.18 13.09 -43.38
C PRO B 189 -2.55 14.55 -43.60
N SER B 190 -1.51 15.39 -43.69
CA SER B 190 -1.72 16.83 -43.91
C SER B 190 -2.56 17.08 -45.16
N SER B 191 -2.46 16.22 -46.16
CA SER B 191 -3.23 16.38 -47.40
C SER B 191 -4.72 16.20 -47.18
N SER B 192 -5.14 15.59 -46.08
CA SER B 192 -6.55 15.35 -45.83
C SER B 192 -7.23 16.52 -45.11
N LEU B 193 -6.47 17.55 -44.71
CA LEU B 193 -7.05 18.63 -43.92
C LEU B 193 -8.09 19.40 -44.72
N GLY B 194 -7.92 19.51 -46.03
CA GLY B 194 -8.86 20.26 -46.84
C GLY B 194 -10.11 19.49 -47.20
N THR B 195 -10.01 18.16 -47.28
CA THR B 195 -11.10 17.33 -47.80
C THR B 195 -11.85 16.58 -46.71
N GLN B 196 -11.16 15.89 -45.81
CA GLN B 196 -11.80 15.00 -44.84
C GLN B 196 -12.23 15.76 -43.60
N THR B 197 -13.49 15.60 -43.21
CA THR B 197 -14.00 16.22 -42.00
C THR B 197 -13.66 15.35 -40.79
N TYR B 198 -13.21 15.98 -39.72
CA TYR B 198 -12.85 15.30 -38.48
C TYR B 198 -13.76 15.79 -37.37
N ILE B 199 -14.47 14.86 -36.74
CA ILE B 199 -15.43 15.17 -35.68
C ILE B 199 -15.14 14.25 -34.50
N CYS B 200 -14.97 14.83 -33.32
CA CYS B 200 -14.84 14.04 -32.11
C CYS B 200 -16.20 13.94 -31.42
N ASN B 201 -16.53 12.73 -30.99
CA ASN B 201 -17.79 12.42 -30.34
C ASN B 201 -17.50 12.12 -28.87
N VAL B 202 -18.00 12.98 -27.99
CA VAL B 202 -17.73 12.94 -26.56
C VAL B 202 -19.02 12.56 -25.84
N ASN B 203 -18.95 11.48 -25.05
CA ASN B 203 -20.08 11.01 -24.26
C ASN B 203 -19.72 11.09 -22.78
N HIS B 204 -20.57 11.73 -22.00
CA HIS B 204 -20.47 11.80 -20.54
C HIS B 204 -21.84 11.40 -20.00
N LYS B 205 -21.98 10.10 -19.71
CA LYS B 205 -23.26 9.56 -19.27
C LYS B 205 -23.77 10.16 -17.95
N PRO B 206 -22.92 10.41 -16.94
CA PRO B 206 -23.46 10.97 -15.68
C PRO B 206 -24.28 12.24 -15.86
N SER B 207 -23.97 13.05 -16.88
CA SER B 207 -24.73 14.26 -17.18
C SER B 207 -25.61 14.11 -18.42
N ASN B 208 -25.73 12.90 -18.97
CA ASN B 208 -26.48 12.67 -20.20
C ASN B 208 -26.01 13.60 -21.33
N THR B 209 -24.70 13.82 -21.41
CA THR B 209 -24.14 14.77 -22.36
C THR B 209 -23.52 14.03 -23.55
N LYS B 210 -23.93 14.41 -24.75
CA LYS B 210 -23.33 13.95 -26.00
C LYS B 210 -22.98 15.15 -26.85
N VAL B 211 -21.70 15.28 -27.20
CA VAL B 211 -21.23 16.42 -27.96
C VAL B 211 -20.46 15.93 -29.18
N ASP B 212 -20.75 16.51 -30.34
CA ASP B 212 -19.97 16.28 -31.56
C ASP B 212 -19.30 17.58 -31.91
N LYS B 213 -17.97 17.61 -31.85
CA LYS B 213 -17.22 18.81 -32.14
C LYS B 213 -16.43 18.62 -33.42
N ARG B 214 -16.68 19.48 -34.40
CA ARG B 214 -15.94 19.47 -35.66
C ARG B 214 -14.63 20.21 -35.46
N VAL B 215 -13.53 19.56 -35.83
CA VAL B 215 -12.19 20.14 -35.70
C VAL B 215 -11.65 20.37 -37.10
N GLU B 216 -11.44 21.63 -37.44
CA GLU B 216 -10.98 22.04 -38.77
C GLU B 216 -9.85 23.05 -38.63
N PRO B 217 -9.12 23.31 -39.72
CA PRO B 217 -8.09 24.35 -39.67
C PRO B 217 -8.70 25.72 -39.36
N LYS B 218 -7.89 26.57 -38.75
CA LYS B 218 -8.38 27.85 -38.24
C LYS B 218 -7.88 29.01 -39.09
N SER B 219 -8.81 29.93 -39.38
CA SER B 219 -8.52 31.30 -39.84
C SER B 219 -9.85 31.99 -40.17
N ASP C 1 8.89 4.30 11.78
CA ASP C 1 8.40 3.30 10.83
C ASP C 1 9.54 2.84 9.92
N ILE C 2 9.44 1.60 9.44
CA ILE C 2 10.40 1.04 8.51
C ILE C 2 9.91 1.28 7.10
N GLN C 3 10.70 2.00 6.30
CA GLN C 3 10.32 2.33 4.93
C GLN C 3 10.71 1.21 3.98
N MET C 4 9.97 1.12 2.87
CA MET C 4 10.19 0.11 1.85
C MET C 4 10.29 0.82 0.51
N THR C 5 11.45 0.71 -0.13
CA THR C 5 11.77 1.46 -1.35
C THR C 5 12.07 0.49 -2.48
N GLN C 6 11.30 0.56 -3.56
CA GLN C 6 11.51 -0.31 -4.70
C GLN C 6 12.30 0.41 -5.79
N SER C 7 13.12 -0.36 -6.50
CA SER C 7 13.97 0.18 -7.56
C SER C 7 14.07 -0.79 -8.73
N PRO C 8 14.03 -0.27 -9.96
CA PRO C 8 13.72 1.14 -10.20
C PRO C 8 12.22 1.38 -10.32
N SER C 9 11.81 2.63 -10.54
CA SER C 9 10.39 2.91 -10.68
C SER C 9 9.82 2.31 -11.96
N PHE C 10 10.57 2.38 -13.05
CA PHE C 10 10.18 1.79 -14.32
C PHE C 10 11.34 0.97 -14.86
N LEU C 11 11.04 -0.24 -15.33
CA LEU C 11 12.06 -1.17 -15.83
C LEU C 11 11.56 -1.78 -17.13
N SER C 12 12.37 -1.65 -18.18
CA SER C 12 12.02 -2.15 -19.51
C SER C 12 12.80 -3.41 -19.83
N ALA C 13 12.11 -4.40 -20.40
CA ALA C 13 12.71 -5.69 -20.73
C ALA C 13 11.97 -6.29 -21.91
N SER C 14 12.50 -7.42 -22.40
CA SER C 14 11.95 -8.12 -23.55
C SER C 14 11.52 -9.53 -23.15
N VAL C 15 10.70 -10.14 -24.01
CA VAL C 15 10.26 -11.51 -23.79
C VAL C 15 11.45 -12.45 -23.85
N GLY C 16 11.57 -13.31 -22.84
CA GLY C 16 12.69 -14.23 -22.73
C GLY C 16 13.81 -13.75 -21.83
N ASP C 17 13.81 -12.49 -21.43
CA ASP C 17 14.87 -11.95 -20.61
C ASP C 17 14.79 -12.49 -19.18
N ARG C 18 15.93 -12.46 -18.49
CA ARG C 18 16.00 -12.67 -17.05
C ARG C 18 16.03 -11.30 -16.39
N VAL C 19 15.09 -11.04 -15.49
CA VAL C 19 14.84 -9.72 -14.95
C VAL C 19 14.91 -9.78 -13.43
N THR C 20 15.48 -8.73 -12.82
CA THR C 20 15.51 -8.61 -11.37
C THR C 20 15.07 -7.20 -10.96
N ILE C 21 14.20 -7.15 -9.96
CA ILE C 21 13.77 -5.89 -9.36
C ILE C 21 14.12 -5.94 -7.87
N THR C 22 14.43 -4.79 -7.29
CA THR C 22 14.93 -4.77 -5.92
C THR C 22 13.98 -4.01 -5.00
N CYS C 23 13.86 -4.51 -3.77
CA CYS C 23 13.13 -3.85 -2.70
C CYS C 23 14.06 -3.72 -1.51
N ARG C 24 14.18 -2.51 -0.97
CA ARG C 24 15.08 -2.20 0.13
C ARG C 24 14.26 -1.78 1.34
N ALA C 25 14.47 -2.45 2.47
CA ALA C 25 13.90 -2.04 3.73
C ALA C 25 14.88 -1.14 4.47
N SER C 26 14.37 -0.04 5.01
CA SER C 26 15.23 0.91 5.72
C SER C 26 15.89 0.30 6.96
N GLN C 27 15.36 -0.80 7.46
CA GLN C 27 15.97 -1.54 8.56
C GLN C 27 15.76 -3.04 8.30
N GLY C 28 16.59 -3.85 8.95
CA GLY C 28 16.52 -5.29 8.72
C GLY C 28 15.19 -5.86 9.18
N ILE C 29 14.64 -6.76 8.37
CA ILE C 29 13.36 -7.38 8.69
C ILE C 29 13.42 -8.88 8.45
N SER C 30 14.62 -9.44 8.48
CA SER C 30 14.86 -10.88 8.28
C SER C 30 14.22 -11.27 6.95
N SER C 31 13.35 -12.28 6.90
CA SER C 31 12.71 -12.72 5.67
C SER C 31 11.21 -12.43 5.67
N PHE C 32 10.77 -11.44 6.44
CA PHE C 32 9.35 -11.08 6.50
C PHE C 32 9.02 -10.11 5.36
N LEU C 33 9.03 -10.65 4.14
CA LEU C 33 8.77 -9.86 2.95
C LEU C 33 7.97 -10.66 1.93
N ALA C 34 7.01 -9.99 1.29
CA ALA C 34 6.20 -10.58 0.24
C ALA C 34 6.34 -9.77 -1.04
N TRP C 35 6.12 -10.47 -2.17
CA TRP C 35 6.10 -9.89 -3.49
C TRP C 35 4.73 -10.14 -4.13
N TYR C 36 4.15 -9.08 -4.70
CA TYR C 36 2.87 -9.11 -5.39
C TYR C 36 3.02 -8.56 -6.81
N GLN C 37 2.12 -9.03 -7.69
CA GLN C 37 2.01 -8.56 -9.06
C GLN C 37 0.62 -7.97 -9.28
N GLN C 38 0.55 -6.88 -10.03
CA GLN C 38 -0.72 -6.24 -10.32
C GLN C 38 -0.71 -5.70 -11.74
N LYS C 39 -1.70 -6.10 -12.51
CA LYS C 39 -1.97 -5.59 -13.85
C LYS C 39 -3.01 -4.47 -13.78
N PRO C 40 -3.02 -3.56 -14.74
CA PRO C 40 -3.92 -2.40 -14.65
C PRO C 40 -5.37 -2.82 -14.52
N GLY C 41 -6.08 -2.19 -13.58
CA GLY C 41 -7.48 -2.46 -13.37
C GLY C 41 -7.81 -3.74 -12.63
N LYS C 42 -6.80 -4.53 -12.25
CA LYS C 42 -7.02 -5.79 -11.56
C LYS C 42 -6.42 -5.74 -10.16
N ALA C 43 -6.81 -6.73 -9.35
CA ALA C 43 -6.35 -6.83 -7.97
C ALA C 43 -4.95 -7.44 -7.90
N PRO C 44 -4.20 -7.14 -6.84
CA PRO C 44 -2.87 -7.73 -6.69
C PRO C 44 -2.93 -9.25 -6.60
N LYS C 45 -1.81 -9.88 -6.96
CA LYS C 45 -1.66 -11.32 -6.93
C LYS C 45 -0.41 -11.65 -6.13
N LEU C 46 -0.56 -12.46 -5.08
CA LEU C 46 0.56 -12.83 -4.24
C LEU C 46 1.51 -13.76 -5.00
N LEU C 47 2.76 -13.34 -5.14
CA LEU C 47 3.79 -14.13 -5.82
C LEU C 47 4.70 -14.86 -4.83
N ILE C 48 5.28 -14.14 -3.88
CA ILE C 48 6.26 -14.70 -2.96
C ILE C 48 5.91 -14.25 -1.55
N TYR C 49 6.09 -15.14 -0.58
CA TYR C 49 6.05 -14.76 0.82
C TYR C 49 7.26 -15.36 1.52
N GLY C 50 7.56 -14.85 2.71
CA GLY C 50 8.76 -15.27 3.42
C GLY C 50 10.03 -15.00 2.63
N ALA C 51 10.02 -13.96 1.79
CA ALA C 51 11.15 -13.53 0.98
C ALA C 51 11.49 -14.53 -0.14
N SER C 52 11.29 -15.83 0.10
CA SER C 52 11.71 -16.82 -0.89
C SER C 52 10.69 -17.93 -1.15
N THR C 53 9.61 -18.03 -0.40
CA THR C 53 8.66 -19.12 -0.60
C THR C 53 7.68 -18.75 -1.71
N LEU C 54 7.63 -19.58 -2.75
CA LEU C 54 6.73 -19.34 -3.87
C LEU C 54 5.30 -19.71 -3.49
N GLN C 55 4.38 -18.76 -3.68
CA GLN C 55 2.97 -19.03 -3.46
C GLN C 55 2.51 -20.13 -4.40
N SER C 56 1.70 -21.05 -3.87
CA SER C 56 1.22 -22.18 -4.68
C SER C 56 0.43 -21.68 -5.88
N GLY C 57 0.62 -22.34 -7.01
CA GLY C 57 -0.01 -21.96 -8.26
C GLY C 57 0.77 -20.95 -9.08
N VAL C 58 1.73 -20.26 -8.48
CA VAL C 58 2.56 -19.30 -9.20
C VAL C 58 3.66 -20.04 -9.93
N THR C 59 3.94 -19.62 -11.17
CA THR C 59 4.94 -20.29 -11.97
C THR C 59 6.32 -20.22 -11.33
N SER C 60 7.12 -21.27 -11.54
CA SER C 60 8.45 -21.36 -10.97
C SER C 60 9.41 -20.33 -11.53
N ARG C 61 9.03 -19.62 -12.60
CA ARG C 61 9.90 -18.59 -13.15
C ARG C 61 10.10 -17.43 -12.18
N PHE C 62 9.19 -17.24 -11.22
CA PHE C 62 9.36 -16.24 -10.18
C PHE C 62 10.17 -16.81 -9.03
N SER C 63 11.21 -16.09 -8.61
CA SER C 63 12.02 -16.49 -7.48
C SER C 63 12.35 -15.28 -6.64
N GLY C 64 12.19 -15.40 -5.33
CA GLY C 64 12.52 -14.33 -4.39
C GLY C 64 13.75 -14.69 -3.60
N SER C 65 14.63 -13.72 -3.39
CA SER C 65 15.82 -13.94 -2.60
C SER C 65 16.15 -12.69 -1.79
N GLY C 66 17.07 -12.84 -0.87
CA GLY C 66 17.50 -11.76 -0.01
C GLY C 66 16.97 -11.92 1.41
N SER C 67 17.70 -11.34 2.37
CA SER C 67 17.29 -11.41 3.75
C SER C 67 17.91 -10.24 4.50
N GLY C 68 17.09 -9.54 5.28
CA GLY C 68 17.55 -8.38 6.01
C GLY C 68 17.02 -7.09 5.44
N THR C 69 17.80 -6.44 4.58
CA THR C 69 17.42 -5.15 4.00
C THR C 69 17.33 -5.15 2.49
N GLU C 70 18.00 -6.07 1.80
CA GLU C 70 18.01 -6.12 0.34
C GLU C 70 17.28 -7.36 -0.13
N PHE C 71 16.21 -7.17 -0.90
CA PHE C 71 15.42 -8.28 -1.42
C PHE C 71 15.30 -8.12 -2.93
N THR C 72 15.26 -9.24 -3.62
CA THR C 72 15.19 -9.24 -5.07
C THR C 72 14.14 -10.22 -5.55
N LEU C 73 13.35 -9.76 -6.52
CA LEU C 73 12.45 -10.62 -7.28
C LEU C 73 13.07 -10.86 -8.65
N THR C 74 13.15 -12.13 -9.06
CA THR C 74 13.78 -12.53 -10.31
C THR C 74 12.78 -13.30 -11.15
N ILE C 75 12.60 -12.86 -12.39
CA ILE C 75 11.80 -13.57 -13.38
C ILE C 75 12.77 -14.15 -14.39
N SER C 76 12.88 -15.48 -14.41
CA SER C 76 13.97 -16.13 -15.12
C SER C 76 13.78 -16.09 -16.64
N SER C 77 12.53 -16.17 -17.11
CA SER C 77 12.26 -16.16 -18.55
C SER C 77 10.99 -15.36 -18.79
N LEU C 78 11.15 -14.10 -19.20
CA LEU C 78 10.03 -13.18 -19.26
C LEU C 78 9.03 -13.59 -20.35
N GLN C 79 7.77 -13.72 -19.95
CA GLN C 79 6.65 -14.01 -20.82
C GLN C 79 5.70 -12.82 -20.85
N PRO C 80 4.94 -12.61 -21.94
CA PRO C 80 4.19 -11.35 -22.08
C PRO C 80 3.23 -11.06 -20.95
N GLU C 81 2.67 -12.09 -20.29
CA GLU C 81 1.80 -11.85 -19.15
C GLU C 81 2.55 -11.36 -17.91
N ASP C 82 3.87 -11.21 -17.97
CA ASP C 82 4.62 -10.72 -16.82
C ASP C 82 4.72 -9.20 -16.78
N PHE C 83 4.45 -8.52 -17.89
CA PHE C 83 4.50 -7.06 -17.90
C PHE C 83 3.37 -6.51 -17.03
N ALA C 84 3.75 -5.95 -15.89
CA ALA C 84 2.80 -5.47 -14.89
C ALA C 84 3.59 -4.64 -13.89
N THR C 85 2.93 -4.23 -12.82
CA THR C 85 3.58 -3.55 -11.71
C THR C 85 3.81 -4.55 -10.59
N TYR C 86 4.94 -4.41 -9.89
CA TYR C 86 5.32 -5.33 -8.83
C TYR C 86 5.54 -4.57 -7.53
N TYR C 87 4.97 -5.07 -6.45
CA TYR C 87 5.04 -4.43 -5.14
C TYR C 87 5.68 -5.37 -4.14
N CYS C 88 6.40 -4.81 -3.17
CA CYS C 88 6.85 -5.57 -2.03
C CYS C 88 6.09 -5.13 -0.78
N GLN C 89 6.13 -5.99 0.24
CA GLN C 89 5.40 -5.70 1.48
C GLN C 89 6.13 -6.32 2.65
N ARG C 90 6.33 -5.53 3.71
CA ARG C 90 6.80 -6.07 4.97
C ARG C 90 5.71 -6.91 5.61
N LEU C 91 6.09 -8.08 6.11
CA LEU C 91 5.12 -9.09 6.56
C LEU C 91 5.00 -9.04 8.08
N ASP C 92 3.95 -8.39 8.57
CA ASP C 92 3.68 -8.21 9.99
C ASP C 92 2.33 -7.52 10.17
N SER C 93 1.29 -8.31 10.46
CA SER C 93 -0.09 -7.81 10.45
C SER C 93 -0.40 -7.04 11.73
N TYR C 94 0.25 -5.89 11.85
CA TYR C 94 0.16 -5.01 13.00
C TYR C 94 0.66 -3.65 12.54
N PRO C 95 -0.03 -2.56 12.87
CA PRO C 95 0.34 -1.26 12.34
C PRO C 95 1.70 -0.83 12.87
N PRO C 96 2.52 -0.17 12.03
CA PRO C 96 2.23 0.15 10.63
C PRO C 96 2.53 -0.98 9.65
N ILE C 97 1.73 -1.07 8.60
CA ILE C 97 1.93 -2.05 7.52
C ILE C 97 2.26 -1.27 6.25
N THR C 98 3.39 -1.59 5.64
CA THR C 98 3.97 -0.77 4.58
C THR C 98 4.20 -1.58 3.32
N PHE C 99 3.75 -1.05 2.18
CA PHE C 99 4.07 -1.56 0.87
C PHE C 99 5.12 -0.69 0.21
N GLY C 100 5.95 -1.29 -0.64
CA GLY C 100 6.78 -0.51 -1.53
C GLY C 100 5.93 0.25 -2.55
N GLN C 101 6.53 1.27 -3.16
CA GLN C 101 5.78 2.12 -4.07
C GLN C 101 5.60 1.50 -5.46
N GLY C 102 6.29 0.42 -5.75
CA GLY C 102 5.99 -0.31 -6.96
C GLY C 102 7.05 -0.14 -8.04
N THR C 103 7.20 -1.19 -8.85
CA THR C 103 8.06 -1.17 -10.03
C THR C 103 7.21 -1.63 -11.21
N ARG C 104 7.08 -0.79 -12.24
CA ARG C 104 6.34 -1.16 -13.43
C ARG C 104 7.31 -1.78 -14.45
N LEU C 105 7.02 -3.00 -14.86
CA LEU C 105 7.82 -3.71 -15.86
C LEU C 105 7.18 -3.50 -17.22
N GLU C 106 7.92 -2.91 -18.14
CA GLU C 106 7.37 -2.47 -19.42
C GLU C 106 8.14 -3.09 -20.58
N ILE C 107 7.54 -3.00 -21.76
CA ILE C 107 8.09 -3.64 -22.96
C ILE C 107 9.20 -2.77 -23.53
N LYS C 108 10.35 -3.37 -23.76
CA LYS C 108 11.49 -2.65 -24.31
C LYS C 108 11.38 -2.55 -25.82
N ARG C 109 11.78 -1.41 -26.37
CA ARG C 109 11.89 -1.21 -27.81
C ARG C 109 13.02 -0.23 -28.07
N THR C 110 13.21 0.11 -29.34
CA THR C 110 14.25 1.07 -29.69
C THR C 110 13.79 2.48 -29.35
N VAL C 111 14.77 3.39 -29.30
CA VAL C 111 14.48 4.78 -28.97
C VAL C 111 13.73 5.43 -30.13
N ALA C 112 12.70 6.20 -29.80
CA ALA C 112 11.92 6.94 -30.80
C ALA C 112 11.68 8.34 -30.26
N ALA C 113 12.11 9.34 -31.02
CA ALA C 113 11.92 10.72 -30.61
C ALA C 113 10.44 11.10 -30.71
N PRO C 114 9.97 11.99 -29.85
CA PRO C 114 8.57 12.44 -29.95
C PRO C 114 8.38 13.42 -31.09
N SER C 115 7.22 13.33 -31.75
CA SER C 115 6.80 14.40 -32.64
C SER C 115 5.98 15.39 -31.83
N VAL C 116 6.35 16.66 -31.87
CA VAL C 116 5.83 17.67 -30.96
C VAL C 116 4.88 18.60 -31.70
N PHE C 117 3.77 18.93 -31.04
CA PHE C 117 2.77 19.83 -31.59
C PHE C 117 2.28 20.75 -30.48
N ILE C 118 2.02 22.01 -30.82
CA ILE C 118 1.45 22.95 -29.87
C ILE C 118 0.12 23.44 -30.41
N PHE C 119 -0.84 23.65 -29.50
CA PHE C 119 -2.20 24.06 -29.84
C PHE C 119 -2.56 25.26 -28.98
N PRO C 120 -2.83 26.42 -29.58
CA PRO C 120 -3.32 27.57 -28.82
C PRO C 120 -4.74 27.31 -28.32
N PRO C 121 -5.22 28.12 -27.37
CA PRO C 121 -6.62 28.00 -26.96
C PRO C 121 -7.54 28.41 -28.09
N SER C 122 -8.72 27.78 -28.11
CA SER C 122 -9.73 28.15 -29.09
C SER C 122 -10.37 29.48 -28.70
N ASP C 123 -10.88 30.21 -29.71
CA ASP C 123 -11.63 31.43 -29.40
C ASP C 123 -12.86 31.12 -28.57
N GLU C 124 -13.49 29.98 -28.82
CA GLU C 124 -14.65 29.57 -28.03
C GLU C 124 -14.31 29.50 -26.55
N GLN C 125 -13.16 28.93 -26.20
CA GLN C 125 -12.78 28.85 -24.78
C GLN C 125 -12.43 30.23 -24.24
N LEU C 126 -11.74 31.04 -25.04
CA LEU C 126 -11.39 32.39 -24.61
C LEU C 126 -12.62 33.22 -24.28
N LYS C 127 -13.74 32.96 -24.96
CA LYS C 127 -14.98 33.63 -24.60
C LYS C 127 -15.37 33.37 -23.15
N SER C 128 -14.98 32.21 -22.60
CA SER C 128 -15.37 31.85 -21.24
C SER C 128 -14.43 32.40 -20.17
N GLY C 129 -13.30 32.99 -20.56
CA GLY C 129 -12.40 33.59 -19.61
C GLY C 129 -11.20 32.76 -19.20
N THR C 130 -10.97 31.62 -19.86
CA THR C 130 -9.83 30.75 -19.54
C THR C 130 -9.14 30.33 -20.84
N ALA C 131 -7.83 30.17 -20.78
CA ALA C 131 -7.02 29.80 -21.92
C ALA C 131 -6.23 28.54 -21.58
N SER C 132 -6.49 27.45 -22.30
CA SER C 132 -5.73 26.22 -22.20
C SER C 132 -4.84 26.11 -23.43
N VAL C 133 -3.53 25.99 -23.21
CA VAL C 133 -2.56 25.76 -24.27
C VAL C 133 -2.08 24.32 -24.12
N VAL C 134 -2.07 23.57 -25.22
CA VAL C 134 -1.81 22.13 -25.16
C VAL C 134 -0.56 21.81 -25.96
N CYS C 135 0.35 21.03 -25.36
CA CYS C 135 1.55 20.54 -26.00
C CYS C 135 1.47 19.01 -26.07
N LEU C 136 1.61 18.47 -27.27
CA LEU C 136 1.50 17.05 -27.52
C LEU C 136 2.84 16.48 -27.94
N LEU C 137 3.26 15.41 -27.27
CA LEU C 137 4.46 14.65 -27.60
C LEU C 137 3.99 13.26 -28.03
N ASN C 138 4.10 12.97 -29.32
CA ASN C 138 3.46 11.80 -29.90
C ASN C 138 4.49 10.72 -30.23
N ASN C 139 4.20 9.50 -29.77
CA ASN C 139 4.87 8.25 -30.16
C ASN C 139 6.38 8.31 -29.90
N PHE C 140 6.72 8.26 -28.62
CA PHE C 140 8.12 8.30 -28.21
C PHE C 140 8.42 7.14 -27.27
N TYR C 141 9.72 6.87 -27.10
CA TYR C 141 10.24 5.86 -26.20
C TYR C 141 11.70 6.18 -25.93
N PRO C 142 12.17 6.05 -24.68
CA PRO C 142 11.44 5.62 -23.48
C PRO C 142 10.51 6.71 -22.93
N ARG C 143 9.84 6.42 -21.82
CA ARG C 143 8.80 7.32 -21.33
C ARG C 143 9.36 8.62 -20.79
N GLU C 144 10.59 8.60 -20.27
CA GLU C 144 11.17 9.80 -19.67
C GLU C 144 11.26 10.93 -20.70
N ALA C 145 10.57 12.03 -20.41
CA ALA C 145 10.56 13.19 -21.27
C ALA C 145 10.26 14.41 -20.42
N LYS C 146 10.83 15.55 -20.79
CA LYS C 146 10.63 16.77 -20.04
C LYS C 146 10.01 17.83 -20.93
N VAL C 147 8.86 18.36 -20.51
CA VAL C 147 8.17 19.45 -21.16
C VAL C 147 8.37 20.71 -20.34
N GLN C 148 8.88 21.77 -20.97
CA GLN C 148 9.11 23.04 -20.30
C GLN C 148 8.31 24.11 -21.03
N TRP C 149 7.31 24.66 -20.35
CA TRP C 149 6.53 25.75 -20.91
C TRP C 149 7.26 27.08 -20.75
N LYS C 150 7.25 27.89 -21.80
CA LYS C 150 7.86 29.21 -21.80
C LYS C 150 6.83 30.20 -22.31
N VAL C 151 6.71 31.32 -21.60
CA VAL C 151 5.81 32.40 -21.96
C VAL C 151 6.65 33.66 -22.02
N ASP C 152 6.83 34.21 -23.23
CA ASP C 152 7.75 35.32 -23.46
C ASP C 152 9.13 35.02 -22.87
N ASN C 153 9.58 33.78 -23.07
CA ASN C 153 10.88 33.28 -22.63
C ASN C 153 11.00 33.13 -21.12
N ALA C 154 9.89 33.23 -20.38
CA ALA C 154 9.88 32.98 -18.95
C ALA C 154 9.42 31.55 -18.71
N LEU C 155 10.23 30.77 -18.00
CA LEU C 155 9.91 29.38 -17.73
C LEU C 155 8.75 29.29 -16.74
N GLN C 156 7.74 28.49 -17.10
CA GLN C 156 6.50 28.41 -16.33
C GLN C 156 6.52 27.21 -15.40
N SER C 157 6.19 27.45 -14.13
CA SER C 157 6.14 26.39 -13.13
C SER C 157 4.88 26.55 -12.30
N GLY C 158 4.15 25.45 -12.12
CA GLY C 158 2.99 25.42 -11.25
C GLY C 158 1.65 25.68 -11.91
N ASN C 159 1.61 25.89 -13.22
CA ASN C 159 0.36 26.13 -13.91
C ASN C 159 0.16 25.18 -15.08
N SER C 160 0.71 23.97 -14.99
CA SER C 160 0.56 22.97 -16.03
C SER C 160 0.29 21.61 -15.41
N GLN C 161 -0.40 20.76 -16.15
CA GLN C 161 -0.64 19.38 -15.77
C GLN C 161 -0.40 18.49 -16.99
N GLU C 162 0.06 17.27 -16.75
CA GLU C 162 0.32 16.38 -17.87
C GLU C 162 -0.21 14.98 -17.62
N SER C 163 -0.36 14.25 -18.72
CA SER C 163 -0.93 12.91 -18.74
C SER C 163 -0.18 12.08 -19.77
N VAL C 164 0.04 10.81 -19.47
CA VAL C 164 0.77 9.89 -20.33
C VAL C 164 -0.12 8.68 -20.61
N THR C 165 -0.13 8.25 -21.87
CA THR C 165 -0.87 7.05 -22.25
C THR C 165 -0.14 5.80 -21.77
N GLU C 166 -0.87 4.69 -21.75
CA GLU C 166 -0.24 3.39 -21.60
C GLU C 166 0.58 3.07 -22.84
N GLN C 167 1.51 2.14 -22.69
CA GLN C 167 2.34 1.71 -23.81
C GLN C 167 1.45 1.20 -24.94
N ASP C 168 1.65 1.72 -26.15
CA ASP C 168 0.80 1.36 -27.27
C ASP C 168 0.94 -0.13 -27.56
N SER C 169 -0.20 -0.78 -27.80
CA SER C 169 -0.23 -2.23 -27.90
C SER C 169 0.53 -2.75 -29.12
N LYS C 170 0.75 -1.92 -30.14
CA LYS C 170 1.38 -2.40 -31.37
C LYS C 170 2.79 -1.86 -31.62
N ASP C 171 3.12 -0.64 -31.19
CA ASP C 171 4.48 -0.13 -31.38
C ASP C 171 5.20 0.19 -30.09
N SER C 172 4.57 -0.01 -28.93
CA SER C 172 5.22 0.07 -27.62
C SER C 172 5.70 1.49 -27.26
N THR C 173 5.24 2.51 -27.97
CA THR C 173 5.61 3.88 -27.62
C THR C 173 4.62 4.47 -26.63
N TYR C 174 4.95 5.66 -26.13
CA TYR C 174 4.08 6.46 -25.28
C TYR C 174 3.73 7.75 -26.00
N SER C 175 2.67 8.40 -25.51
CA SER C 175 2.35 9.76 -25.90
C SER C 175 2.02 10.56 -24.64
N LEU C 176 2.37 11.85 -24.67
CA LEU C 176 2.22 12.71 -23.51
C LEU C 176 1.48 13.97 -23.93
N SER C 177 0.56 14.41 -23.07
CA SER C 177 -0.17 15.65 -23.26
C SER C 177 0.09 16.54 -22.06
N SER C 178 0.46 17.79 -22.31
CA SER C 178 0.69 18.77 -21.27
C SER C 178 -0.21 19.98 -21.52
N THR C 179 -0.89 20.45 -20.49
CA THR C 179 -1.83 21.56 -20.58
C THR C 179 -1.39 22.67 -19.64
N LEU C 180 -1.17 23.85 -20.21
CA LEU C 180 -0.88 25.08 -19.49
C LEU C 180 -2.17 25.90 -19.41
N THR C 181 -2.58 26.24 -18.20
CA THR C 181 -3.85 26.93 -17.98
C THR C 181 -3.59 28.33 -17.45
N LEU C 182 -4.16 29.32 -18.12
CA LEU C 182 -4.08 30.71 -17.70
C LEU C 182 -5.46 31.33 -17.75
N SER C 183 -5.63 32.42 -17.02
CA SER C 183 -6.81 33.24 -17.22
C SER C 183 -6.70 33.97 -18.55
N LYS C 184 -7.84 34.46 -19.05
CA LYS C 184 -7.84 35.19 -20.31
C LYS C 184 -6.94 36.42 -20.25
N ALA C 185 -6.98 37.15 -19.12
CA ALA C 185 -6.20 38.37 -19.00
C ALA C 185 -4.70 38.08 -19.00
N ASP C 186 -4.28 37.09 -18.21
CA ASP C 186 -2.88 36.69 -18.23
C ASP C 186 -2.45 36.25 -19.63
N TYR C 187 -3.29 35.46 -20.30
CA TYR C 187 -2.97 34.99 -21.64
C TYR C 187 -2.77 36.16 -22.59
N GLU C 188 -3.63 37.19 -22.49
CA GLU C 188 -3.51 38.35 -23.35
C GLU C 188 -2.39 39.30 -22.95
N LYS C 189 -1.79 39.12 -21.78
CA LYS C 189 -0.65 39.94 -21.41
C LYS C 189 0.67 39.47 -22.01
N HIS C 190 0.68 38.43 -22.84
CA HIS C 190 1.93 37.86 -23.36
C HIS C 190 1.75 37.44 -24.81
N LYS C 191 2.89 37.27 -25.50
CA LYS C 191 2.90 37.02 -26.94
C LYS C 191 3.37 35.62 -27.31
N VAL C 192 4.58 35.24 -26.93
CA VAL C 192 5.18 34.00 -27.40
C VAL C 192 4.89 32.89 -26.41
N TYR C 193 4.20 31.86 -26.88
CA TYR C 193 3.91 30.67 -26.09
C TYR C 193 4.66 29.49 -26.70
N ALA C 194 5.39 28.75 -25.87
CA ALA C 194 6.26 27.72 -26.39
C ALA C 194 6.33 26.54 -25.42
N CYS C 195 6.47 25.33 -25.96
CA CYS C 195 6.87 24.19 -25.16
C CYS C 195 8.16 23.61 -25.74
N GLU C 196 9.13 23.42 -24.84
CA GLU C 196 10.44 22.89 -25.16
C GLU C 196 10.51 21.47 -24.62
N VAL C 197 10.79 20.52 -25.50
CA VAL C 197 10.75 19.10 -25.19
C VAL C 197 12.17 18.58 -25.21
N THR C 198 12.58 17.96 -24.11
CA THR C 198 13.84 17.25 -24.03
C THR C 198 13.55 15.76 -23.89
N HIS C 199 14.21 14.95 -24.72
CA HIS C 199 14.01 13.52 -24.75
C HIS C 199 15.26 12.86 -25.31
N GLN C 200 15.46 11.60 -24.91
CA GLN C 200 16.65 10.86 -25.31
C GLN C 200 16.80 10.79 -26.84
N GLY C 201 15.70 10.77 -27.58
CA GLY C 201 15.76 10.68 -29.02
C GLY C 201 16.03 11.97 -29.77
N LEU C 202 16.24 13.08 -29.07
CA LEU C 202 16.52 14.36 -29.69
C LEU C 202 17.94 14.79 -29.35
N SER C 203 18.68 15.22 -30.37
CA SER C 203 20.05 15.71 -30.17
C SER C 203 20.07 16.90 -29.22
N SER C 204 19.12 17.80 -29.37
CA SER C 204 18.95 18.98 -28.55
C SER C 204 17.45 19.23 -28.39
N PRO C 205 17.05 19.98 -27.38
CA PRO C 205 15.62 20.19 -27.13
C PRO C 205 14.91 20.77 -28.35
N VAL C 206 13.66 20.35 -28.56
CA VAL C 206 12.84 20.82 -29.66
C VAL C 206 11.77 21.73 -29.10
N THR C 207 11.66 22.94 -29.66
CA THR C 207 10.68 23.92 -29.19
C THR C 207 9.62 24.12 -30.25
N LYS C 208 8.35 24.00 -29.86
CA LYS C 208 7.22 24.38 -30.70
C LYS C 208 6.54 25.58 -30.07
N SER C 209 6.26 26.59 -30.87
CA SER C 209 5.75 27.84 -30.33
C SER C 209 4.74 28.46 -31.28
N PHE C 210 3.99 29.42 -30.73
CA PHE C 210 3.13 30.30 -31.53
C PHE C 210 3.13 31.69 -30.89
N ASN C 211 2.74 32.66 -31.70
CA ASN C 211 2.52 34.02 -31.22
C ASN C 211 1.02 34.25 -31.07
N ARG C 212 0.61 34.72 -29.90
CA ARG C 212 -0.80 34.98 -29.66
C ARG C 212 -1.33 35.94 -30.72
N GLY C 213 -2.42 35.53 -31.37
CA GLY C 213 -2.91 36.25 -32.54
C GLY C 213 -2.56 35.50 -33.80
N GLU C 214 -1.49 35.90 -34.47
CA GLU C 214 -0.99 35.20 -35.64
C GLU C 214 0.41 35.68 -36.02
#